data_9C4C
#
_entry.id   9C4C
#
_cell.length_a   1.00
_cell.length_b   1.00
_cell.length_c   1.00
_cell.angle_alpha   90.00
_cell.angle_beta   90.00
_cell.angle_gamma   90.00
#
_symmetry.space_group_name_H-M   'P 1'
#
loop_
_entity.id
_entity.type
_entity.pdbx_description
1 polymer 'DNA (39-MER)'
2 polymer 'DNA (38-MER)'
3 polymer 'HTH-type transcriptional regulator MntR'
4 non-polymer 'MANGANESE (II) ION'
#
loop_
_entity_poly.entity_id
_entity_poly.type
_entity_poly.pdbx_seq_one_letter_code
_entity_poly.pdbx_strand_id
1 'polydeoxyribonucleotide'
;(DT)(DT)(DT)(DT)(DT)(DT)(DT)(DC)(DT)(DG)(DT)(DC)(DA)(DC)(DC)(DT)(DT)(DA)(DT)(DT)
(DT)(DA)(DT)(DT)(DA)(DG)(DT)(DA)(DA)(DA)(DC)(DA)(DG)(DG)(DA)(DA)(DA)(DC)(DA)
;
A
2 'polydeoxyribonucleotide'
;(DT)(DG)(DT)(DT)(DT)(DC)(DC)(DT)(DG)(DT)(DT)(DT)(DA)(DC)(DT)(DA)(DA)(DT)(DA)(DA)
(DA)(DT)(DA)(DA)(DG)(DG)(DT)(DG)(DA)(DC)(DA)(DG)(DA)(DA)(DA)(DA)(DA)(DA)
;
B
3 'polypeptide(L)'
;MTTPSMEDYIEQIYMLIEEKGYARVSDIAEALAVHPSSVTKMVQKLDKDEYLIYEKYRGLVLTSKGKKIGKRLVYRHELL
EQFLRIIGVDEEKIYNDVEGIEHHLSWNSIDRIGDLVQYFEEDDARKKDLKSIQKKTEHHNQ
;
E,F,G,H
#
loop_
_chem_comp.id
_chem_comp.type
_chem_comp.name
_chem_comp.formula
DA DNA linking 2'-DEOXYADENOSINE-5'-MONOPHOSPHATE 'C10 H14 N5 O6 P'
DC DNA linking 2'-DEOXYCYTIDINE-5'-MONOPHOSPHATE 'C9 H14 N3 O7 P'
DG DNA linking 2'-DEOXYGUANOSINE-5'-MONOPHOSPHATE 'C10 H14 N5 O7 P'
DT DNA linking THYMIDINE-5'-MONOPHOSPHATE 'C10 H15 N2 O8 P'
MN non-polymer 'MANGANESE (II) ION' 'Mn 2'
#
# COMPACT_ATOMS: atom_id res chain seq x y z
N THR C 3 27.55 -17.72 22.31
CA THR C 3 27.78 -16.88 21.09
C THR C 3 28.99 -17.41 20.30
N PRO C 4 28.99 -17.18 18.99
CA PRO C 4 29.98 -17.84 18.11
C PRO C 4 31.43 -17.72 18.59
N SER C 5 31.90 -16.49 18.77
CA SER C 5 33.29 -16.22 19.09
C SER C 5 33.66 -16.69 20.49
N MET C 6 32.70 -17.08 21.30
CA MET C 6 32.96 -17.60 22.64
C MET C 6 33.09 -19.12 22.64
N GLU C 7 32.34 -19.80 21.77
CA GLU C 7 32.37 -21.25 21.70
C GLU C 7 33.49 -21.76 20.79
N ASP C 8 33.74 -21.04 19.68
CA ASP C 8 34.67 -21.57 18.68
C ASP C 8 36.09 -21.68 19.18
N TYR C 9 36.51 -20.86 20.16
CA TYR C 9 37.84 -21.07 20.71
C TYR C 9 37.94 -22.37 21.49
N ILE C 10 36.92 -22.72 22.27
CA ILE C 10 36.96 -24.01 22.96
C ILE C 10 36.96 -25.14 21.94
N GLU C 11 36.12 -25.01 20.90
CA GLU C 11 36.04 -26.05 19.88
C GLU C 11 37.38 -26.25 19.18
N GLN C 12 38.01 -25.16 18.76
CA GLN C 12 39.26 -25.27 18.00
C GLN C 12 40.42 -25.69 18.90
N ILE C 13 40.44 -25.24 20.15
CA ILE C 13 41.50 -25.68 21.06
C ILE C 13 41.40 -27.18 21.28
N TYR C 14 40.17 -27.69 21.49
CA TYR C 14 40.01 -29.13 21.65
C TYR C 14 40.45 -29.87 20.40
N MET C 15 40.03 -29.39 19.22
CA MET C 15 40.41 -30.07 18.00
C MET C 15 41.93 -30.11 17.82
N LEU C 16 42.63 -29.01 18.12
CA LEU C 16 44.08 -29.01 17.97
C LEU C 16 44.73 -29.93 18.99
N ILE C 17 44.23 -29.94 20.23
CA ILE C 17 44.84 -30.76 21.26
C ILE C 17 44.70 -32.24 20.93
N GLU C 18 43.55 -32.63 20.36
CA GLU C 18 43.40 -34.02 19.95
C GLU C 18 44.15 -34.34 18.67
N GLU C 19 44.34 -33.37 17.78
CA GLU C 19 45.03 -33.64 16.52
C GLU C 19 46.54 -33.78 16.72
N LYS C 20 47.15 -32.88 17.50
CA LYS C 20 48.60 -32.81 17.61
C LYS C 20 49.12 -33.01 19.03
N GLY C 21 48.26 -33.01 20.04
CA GLY C 21 48.70 -33.09 21.41
C GLY C 21 49.07 -31.77 22.06
N TYR C 22 49.19 -30.70 21.28
CA TYR C 22 49.42 -29.37 21.84
C TYR C 22 48.83 -28.33 20.90
N ALA C 23 48.46 -27.18 21.46
CA ALA C 23 47.87 -26.09 20.70
C ALA C 23 48.66 -24.81 20.95
N ARG C 24 49.23 -24.26 19.87
CA ARG C 24 49.91 -22.98 19.93
C ARG C 24 48.90 -21.85 19.69
N VAL C 25 49.34 -20.62 19.95
CA VAL C 25 48.49 -19.47 19.67
C VAL C 25 48.37 -19.25 18.16
N SER C 26 49.46 -19.50 17.43
CA SER C 26 49.42 -19.33 15.98
C SER C 26 48.44 -20.29 15.33
N ASP C 27 48.34 -21.51 15.85
CA ASP C 27 47.39 -22.48 15.31
C ASP C 27 45.96 -21.96 15.43
N ILE C 28 45.62 -21.38 16.58
CA ILE C 28 44.28 -20.85 16.76
C ILE C 28 44.09 -19.61 15.87
N ALA C 29 45.12 -18.78 15.73
CA ALA C 29 45.00 -17.59 14.89
C ALA C 29 44.73 -17.98 13.44
N GLU C 30 45.43 -19.00 12.93
CA GLU C 30 45.18 -19.47 11.58
C GLU C 30 43.83 -20.16 11.47
N ALA C 31 43.44 -20.92 12.49
CA ALA C 31 42.18 -21.66 12.42
C ALA C 31 40.99 -20.72 12.34
N LEU C 32 40.99 -19.66 13.14
CA LEU C 32 39.92 -18.67 13.07
C LEU C 32 40.24 -17.52 12.13
N ALA C 33 41.44 -17.49 11.54
CA ALA C 33 41.83 -16.44 10.61
C ALA C 33 41.76 -15.07 11.26
N VAL C 34 42.49 -14.93 12.37
CA VAL C 34 42.55 -13.68 13.12
C VAL C 34 44.00 -13.39 13.50
N HIS C 35 44.26 -12.13 13.84
CA HIS C 35 45.59 -11.74 14.29
C HIS C 35 45.85 -12.31 15.68
N PRO C 36 47.05 -12.85 15.93
CA PRO C 36 47.24 -13.65 17.17
C PRO C 36 47.03 -12.87 18.46
N SER C 37 47.15 -11.54 18.45
CA SER C 37 46.86 -10.77 19.65
C SER C 37 45.39 -10.86 20.01
N SER C 38 44.51 -11.00 19.01
CA SER C 38 43.11 -11.24 19.30
C SER C 38 42.92 -12.59 19.99
N VAL C 39 43.80 -13.55 19.70
CA VAL C 39 43.74 -14.85 20.34
C VAL C 39 44.19 -14.75 21.79
N THR C 40 45.30 -14.03 22.05
CA THR C 40 45.79 -13.94 23.42
C THR C 40 44.81 -13.15 24.30
N LYS C 41 44.23 -12.07 23.77
CA LYS C 41 43.31 -11.29 24.59
C LYS C 41 42.00 -12.03 24.83
N MET C 42 41.77 -13.15 24.13
CA MET C 42 40.64 -14.03 24.41
C MET C 42 41.05 -15.15 25.37
N VAL C 43 42.28 -15.62 25.28
CA VAL C 43 42.79 -16.56 26.27
C VAL C 43 42.74 -15.93 27.65
N GLN C 44 42.98 -14.63 27.74
CA GLN C 44 42.76 -13.94 29.01
C GLN C 44 41.32 -14.07 29.48
N LYS C 45 40.35 -13.96 28.58
CA LYS C 45 38.95 -14.09 28.98
C LYS C 45 38.58 -15.50 29.38
N LEU C 46 39.26 -16.52 28.85
CA LEU C 46 38.97 -17.89 29.25
C LEU C 46 39.73 -18.34 30.50
N ASP C 47 40.88 -17.73 30.80
CA ASP C 47 41.56 -18.06 32.05
C ASP C 47 40.67 -17.71 33.25
N LYS C 48 39.97 -16.57 33.16
CA LYS C 48 39.08 -16.13 34.22
C LYS C 48 37.93 -17.11 34.47
N ASP C 49 37.67 -18.05 33.55
CA ASP C 49 36.45 -18.86 33.62
C ASP C 49 36.73 -20.36 33.74
N GLU C 50 37.88 -20.75 34.28
CA GLU C 50 38.15 -22.11 34.75
C GLU C 50 38.26 -23.15 33.63
N TYR C 51 37.98 -22.78 32.37
CA TYR C 51 38.03 -23.78 31.30
C TYR C 51 39.43 -24.31 31.06
N LEU C 52 40.47 -23.52 31.31
CA LEU C 52 41.80 -23.92 30.88
C LEU C 52 42.85 -23.31 31.80
N ILE C 53 44.06 -23.87 31.70
CA ILE C 53 45.22 -23.44 32.46
C ILE C 53 46.20 -22.79 31.48
N TYR C 54 46.78 -21.67 31.90
CA TYR C 54 47.50 -20.74 31.05
C TYR C 54 48.79 -20.29 31.72
N GLU C 55 49.84 -20.08 30.91
CA GLU C 55 51.09 -19.50 31.37
C GLU C 55 51.53 -18.41 30.39
N LYS C 56 52.18 -17.37 30.92
CA LYS C 56 52.40 -16.14 30.17
C LYS C 56 53.11 -16.37 28.84
N TYR C 57 53.96 -17.40 28.74
CA TYR C 57 54.63 -17.66 27.47
C TYR C 57 54.76 -19.13 27.10
N ARG C 58 54.05 -20.05 27.75
CA ARG C 58 54.28 -21.48 27.55
C ARG C 58 53.17 -22.17 26.75
N GLY C 59 51.91 -22.05 27.15
CA GLY C 59 50.86 -22.66 26.37
C GLY C 59 49.56 -22.77 27.15
N LEU C 60 48.67 -23.60 26.60
CA LEU C 60 47.31 -23.78 27.07
C LEU C 60 47.05 -25.25 27.32
N VAL C 61 46.30 -25.58 28.38
CA VAL C 61 45.82 -26.94 28.56
C VAL C 61 44.40 -26.93 29.10
N LEU C 62 43.53 -27.74 28.51
CA LEU C 62 42.13 -27.79 28.94
C LEU C 62 42.01 -28.50 30.29
N THR C 63 41.11 -28.00 31.12
CA THR C 63 40.80 -28.62 32.40
C THR C 63 39.77 -29.73 32.22
N SER C 64 39.42 -30.39 33.33
CA SER C 64 38.35 -31.38 33.28
C SER C 64 37.01 -30.76 32.91
N LYS C 65 36.84 -29.45 33.15
CA LYS C 65 35.64 -28.77 32.70
C LYS C 65 35.65 -28.59 31.19
N GLY C 66 36.79 -28.17 30.63
CA GLY C 66 36.85 -27.86 29.21
C GLY C 66 36.65 -29.07 28.32
N LYS C 67 37.31 -30.19 28.66
CA LYS C 67 37.31 -31.35 27.79
C LYS C 67 35.95 -32.03 27.71
N LYS C 68 35.09 -31.82 28.70
CA LYS C 68 33.74 -32.37 28.64
C LYS C 68 32.90 -31.61 27.63
N ILE C 69 33.02 -30.28 27.62
CA ILE C 69 32.23 -29.45 26.71
C ILE C 69 32.76 -29.56 25.29
N GLY C 70 34.09 -29.60 25.14
CA GLY C 70 34.66 -29.63 23.81
C GLY C 70 34.25 -30.84 22.99
N LYS C 71 34.13 -32.00 23.64
CA LYS C 71 33.73 -33.19 22.91
C LYS C 71 32.27 -33.11 22.48
N ARG C 72 31.42 -32.49 23.30
CA ARG C 72 30.04 -32.29 22.90
C ARG C 72 29.94 -31.33 21.72
N LEU C 73 30.78 -30.29 21.69
CA LEU C 73 30.78 -29.38 20.56
C LEU C 73 31.29 -30.08 19.30
N VAL C 74 32.30 -30.94 19.44
CA VAL C 74 32.79 -31.69 18.28
C VAL C 74 31.70 -32.64 17.78
N TYR C 75 30.93 -33.24 18.70
CA TYR C 75 29.79 -34.06 18.31
C TYR C 75 28.79 -33.25 17.50
N ARG C 76 28.45 -32.05 17.98
CA ARG C 76 27.54 -31.19 17.22
C ARG C 76 28.07 -30.90 15.83
N HIS C 77 29.37 -30.59 15.73
CA HIS C 77 29.96 -30.29 14.44
C HIS C 77 29.86 -31.47 13.49
N GLU C 78 30.29 -32.65 13.95
CA GLU C 78 30.26 -33.83 13.09
C GLU C 78 28.84 -34.21 12.71
N LEU C 79 27.89 -34.08 13.63
CA LEU C 79 26.52 -34.44 13.31
C LEU C 79 25.95 -33.52 12.24
N LEU C 80 26.15 -32.21 12.38
CA LEU C 80 25.62 -31.30 11.37
C LEU C 80 26.31 -31.49 10.03
N GLU C 81 27.62 -31.77 10.02
CA GLU C 81 28.30 -32.01 8.75
C GLU C 81 27.75 -33.26 8.06
N GLN C 82 27.56 -34.34 8.82
CA GLN C 82 27.00 -35.56 8.24
C GLN C 82 25.58 -35.35 7.76
N PHE C 83 24.79 -34.54 8.48
CA PHE C 83 23.43 -34.25 8.03
C PHE C 83 23.44 -33.52 6.69
N LEU C 84 24.21 -32.44 6.59
CA LEU C 84 24.24 -31.71 5.32
C LEU C 84 24.80 -32.56 4.20
N ARG C 85 25.68 -33.51 4.51
CA ARG C 85 26.20 -34.39 3.46
C ARG C 85 25.20 -35.46 3.05
N ILE C 86 24.26 -35.84 3.92
CA ILE C 86 23.28 -36.85 3.52
C ILE C 86 22.26 -36.27 2.55
N ILE C 87 21.81 -35.04 2.77
CA ILE C 87 20.75 -34.47 1.94
C ILE C 87 21.26 -33.96 0.60
N GLY C 88 22.56 -34.04 0.34
CA GLY C 88 23.09 -33.81 -0.99
C GLY C 88 23.73 -32.46 -1.25
N VAL C 89 24.02 -31.68 -0.20
CA VAL C 89 24.67 -30.40 -0.43
C VAL C 89 26.06 -30.62 -1.03
N ASP C 90 26.50 -29.69 -1.87
CA ASP C 90 27.78 -29.84 -2.54
C ASP C 90 28.92 -29.86 -1.53
N GLU C 91 29.92 -30.69 -1.78
CA GLU C 91 30.95 -30.95 -0.78
C GLU C 91 31.70 -29.68 -0.40
N GLU C 92 31.91 -28.78 -1.35
CA GLU C 92 32.63 -27.54 -1.07
C GLU C 92 31.81 -26.54 -0.28
N LYS C 93 30.49 -26.70 -0.24
CA LYS C 93 29.61 -25.78 0.46
C LYS C 93 29.41 -26.14 1.93
N ILE C 94 29.77 -27.36 2.33
CA ILE C 94 29.34 -27.88 3.62
C ILE C 94 29.90 -27.03 4.75
N TYR C 95 31.23 -26.92 4.82
CA TYR C 95 31.86 -26.40 6.03
C TYR C 95 31.36 -25.00 6.37
N ASN C 96 31.32 -24.11 5.37
CA ASN C 96 30.91 -22.74 5.63
C ASN C 96 29.47 -22.67 6.10
N ASP C 97 28.63 -23.62 5.67
CA ASP C 97 27.26 -23.67 6.14
C ASP C 97 27.17 -24.20 7.57
N VAL C 98 28.06 -25.12 7.95
CA VAL C 98 28.00 -25.68 9.29
C VAL C 98 28.39 -24.60 10.31
N GLU C 99 29.54 -23.97 10.10
CA GLU C 99 30.03 -22.97 11.04
C GLU C 99 29.04 -21.82 11.20
N GLY C 100 28.17 -21.61 10.22
CA GLY C 100 27.17 -20.59 10.31
C GLY C 100 26.05 -20.94 11.28
N ILE C 101 25.59 -22.19 11.25
CA ILE C 101 24.37 -22.54 11.99
C ILE C 101 24.66 -23.23 13.32
N GLU C 102 25.85 -23.81 13.51
CA GLU C 102 26.10 -24.58 14.72
C GLU C 102 25.94 -23.73 15.97
N HIS C 103 26.10 -22.41 15.87
CA HIS C 103 26.01 -21.55 17.04
C HIS C 103 24.59 -21.10 17.36
N HIS C 104 23.65 -21.24 16.42
CA HIS C 104 22.30 -20.74 16.62
C HIS C 104 21.27 -21.85 16.84
N LEU C 105 21.57 -23.08 16.44
CA LEU C 105 20.67 -24.20 16.71
C LEU C 105 20.71 -24.56 18.19
N SER C 106 19.54 -24.60 18.82
CA SER C 106 19.44 -25.09 20.19
C SER C 106 19.58 -26.60 20.22
N TRP C 107 19.88 -27.12 21.42
CA TRP C 107 20.22 -28.53 21.56
C TRP C 107 19.05 -29.46 21.25
N ASN C 108 17.82 -28.99 21.42
CA ASN C 108 16.66 -29.80 21.05
C ASN C 108 16.68 -30.08 19.55
N SER C 109 16.93 -29.04 18.74
CA SER C 109 17.03 -29.24 17.30
C SER C 109 18.17 -30.19 16.97
N ILE C 110 19.27 -30.14 17.72
CA ILE C 110 20.38 -31.04 17.45
C ILE C 110 19.99 -32.49 17.72
N ASP C 111 19.26 -32.73 18.81
CA ASP C 111 18.80 -34.09 19.09
C ASP C 111 17.86 -34.59 18.00
N ARG C 112 16.94 -33.72 17.55
CA ARG C 112 16.00 -34.14 16.51
C ARG C 112 16.73 -34.37 15.19
N ILE C 113 17.79 -33.59 14.92
CA ILE C 113 18.61 -33.81 13.75
C ILE C 113 19.32 -35.15 13.84
N GLY C 114 19.75 -35.55 15.04
CA GLY C 114 20.33 -36.87 15.20
C GLY C 114 19.33 -37.97 14.88
N ASP C 115 18.09 -37.80 15.34
CA ASP C 115 17.05 -38.76 14.97
C ASP C 115 16.87 -38.82 13.46
N LEU C 116 16.90 -37.66 12.80
CA LEU C 116 16.75 -37.65 11.34
C LEU C 116 17.92 -38.37 10.66
N VAL C 117 19.13 -38.14 11.14
CA VAL C 117 20.30 -38.80 10.53
C VAL C 117 20.18 -40.30 10.69
N GLN C 118 19.74 -40.76 11.87
CA GLN C 118 19.52 -42.18 12.06
C GLN C 118 18.51 -42.72 11.05
N TYR C 119 17.43 -41.97 10.83
CA TYR C 119 16.36 -42.44 9.95
C TYR C 119 16.87 -42.81 8.57
N PHE C 120 17.81 -42.03 8.03
CA PHE C 120 18.39 -42.36 6.73
C PHE C 120 19.55 -43.34 6.81
N GLU C 121 20.30 -43.34 7.90
CA GLU C 121 21.46 -44.22 7.99
C GLU C 121 21.09 -45.67 8.28
N GLU C 122 19.86 -45.94 8.72
CA GLU C 122 19.52 -47.32 9.05
C GLU C 122 18.95 -48.11 7.89
N ASP C 123 18.67 -47.49 6.74
CA ASP C 123 18.09 -48.22 5.60
C ASP C 123 18.50 -47.54 4.31
N ASP C 124 19.09 -48.32 3.40
CA ASP C 124 19.63 -47.77 2.15
C ASP C 124 18.56 -47.29 1.18
N ALA C 125 17.36 -47.88 1.20
CA ALA C 125 16.36 -47.54 0.18
C ALA C 125 15.87 -46.11 0.32
N ARG C 126 15.83 -45.60 1.55
CA ARG C 126 15.37 -44.24 1.79
C ARG C 126 16.28 -43.22 1.11
N LYS C 127 17.59 -43.49 1.11
CA LYS C 127 18.52 -42.62 0.41
C LYS C 127 18.27 -42.64 -1.08
N LYS C 128 17.92 -43.80 -1.65
CA LYS C 128 17.65 -43.85 -3.08
C LYS C 128 16.36 -43.13 -3.44
N ASP C 129 15.32 -43.23 -2.60
CA ASP C 129 14.12 -42.44 -2.83
C ASP C 129 14.44 -40.94 -2.81
N LEU C 130 15.19 -40.51 -1.80
CA LEU C 130 15.52 -39.09 -1.70
C LEU C 130 16.39 -38.64 -2.87
N LYS C 131 17.35 -39.47 -3.30
CA LYS C 131 18.21 -39.11 -4.42
C LYS C 131 17.44 -39.08 -5.74
N SER C 132 16.39 -39.89 -5.87
CA SER C 132 15.56 -39.79 -7.07
C SER C 132 14.80 -38.48 -7.10
N ILE C 133 14.14 -38.13 -5.98
CA ILE C 133 13.41 -36.86 -5.98
C ILE C 133 14.37 -35.69 -6.11
N GLN C 134 15.61 -35.83 -5.62
CA GLN C 134 16.58 -34.75 -5.68
C GLN C 134 16.91 -34.33 -7.10
N LYS C 135 16.74 -35.24 -8.07
CA LYS C 135 17.01 -34.93 -9.47
C LYS C 135 15.75 -34.87 -10.32
N LYS C 136 14.61 -35.31 -9.78
CA LYS C 136 13.38 -35.38 -10.57
C LYS C 136 13.02 -34.03 -11.22
N THR C 137 13.42 -32.91 -10.63
CA THR C 137 12.98 -31.60 -11.13
C THR C 137 14.12 -30.59 -11.27
N GLU C 138 15.36 -31.04 -11.45
CA GLU C 138 16.44 -30.11 -11.76
C GLU C 138 16.45 -29.78 -13.25
N THR D 3 23.82 -10.81 3.75
CA THR D 3 24.00 -9.66 4.68
C THR D 3 23.00 -9.78 5.84
N PRO D 4 23.34 -10.59 6.85
CA PRO D 4 22.36 -10.89 7.90
C PRO D 4 21.63 -9.67 8.47
N SER D 5 22.37 -8.68 8.98
CA SER D 5 21.73 -7.57 9.66
C SER D 5 20.85 -6.75 8.72
N MET D 6 21.14 -6.77 7.42
CA MET D 6 20.38 -5.98 6.46
C MET D 6 19.20 -6.75 5.89
N GLU D 7 19.32 -8.06 5.69
CA GLU D 7 18.23 -8.83 5.12
C GLU D 7 16.99 -8.82 6.01
N ASP D 8 17.19 -8.70 7.32
CA ASP D 8 16.06 -8.75 8.25
C ASP D 8 15.12 -7.58 8.04
N TYR D 9 15.65 -6.39 7.75
CA TYR D 9 14.78 -5.24 7.54
C TYR D 9 13.90 -5.43 6.30
N ILE D 10 14.49 -5.87 5.19
CA ILE D 10 13.69 -6.09 3.99
C ILE D 10 12.66 -7.18 4.23
N GLU D 11 13.06 -8.27 4.89
CA GLU D 11 12.12 -9.34 5.21
C GLU D 11 10.93 -8.80 5.98
N GLN D 12 11.20 -8.08 7.07
CA GLN D 12 10.12 -7.63 7.94
C GLN D 12 9.27 -6.56 7.26
N ILE D 13 9.89 -5.70 6.46
CA ILE D 13 9.13 -4.68 5.74
C ILE D 13 8.17 -5.32 4.77
N TYR D 14 8.63 -6.35 4.04
CA TYR D 14 7.74 -7.03 3.10
C TYR D 14 6.58 -7.69 3.84
N MET D 15 6.89 -8.45 4.90
CA MET D 15 5.81 -9.08 5.67
C MET D 15 4.84 -8.04 6.19
N LEU D 16 5.34 -6.91 6.67
CA LEU D 16 4.49 -5.92 7.32
C LEU D 16 3.64 -5.16 6.30
N ILE D 17 4.15 -4.99 5.08
CA ILE D 17 3.32 -4.39 4.03
C ILE D 17 2.24 -5.37 3.60
N GLU D 18 2.57 -6.65 3.46
CA GLU D 18 1.54 -7.62 3.11
C GLU D 18 0.48 -7.75 4.20
N GLU D 19 0.87 -7.57 5.46
CA GLU D 19 -0.07 -7.70 6.57
C GLU D 19 -0.91 -6.44 6.76
N LYS D 20 -0.26 -5.32 7.06
CA LYS D 20 -0.95 -4.07 7.36
C LYS D 20 -1.39 -3.32 6.11
N GLY D 21 -0.61 -3.42 5.03
CA GLY D 21 -0.75 -2.53 3.90
C GLY D 21 0.18 -1.33 3.95
N TYR D 22 0.87 -1.12 5.08
CA TYR D 22 1.81 -0.03 5.24
C TYR D 22 2.80 -0.38 6.33
N ALA D 23 4.05 0.04 6.15
CA ALA D 23 5.10 -0.18 7.12
C ALA D 23 5.41 1.12 7.85
N ARG D 24 5.37 1.07 9.18
CA ARG D 24 5.64 2.24 10.01
C ARG D 24 6.91 1.98 10.80
N VAL D 25 7.66 3.05 11.09
CA VAL D 25 8.95 2.90 11.76
C VAL D 25 8.79 2.19 13.09
N SER D 26 7.76 2.54 13.86
CA SER D 26 7.57 1.93 15.18
C SER D 26 7.21 0.45 15.07
N ASP D 27 6.46 0.07 14.04
CA ASP D 27 6.13 -1.33 13.86
C ASP D 27 7.37 -2.12 13.48
N ILE D 28 8.25 -1.56 12.65
CA ILE D 28 9.50 -2.21 12.33
C ILE D 28 10.37 -2.33 13.57
N ALA D 29 10.37 -1.30 14.41
CA ALA D 29 11.17 -1.34 15.63
C ALA D 29 10.69 -2.43 16.57
N GLU D 30 9.37 -2.59 16.71
CA GLU D 30 8.84 -3.67 17.53
C GLU D 30 9.15 -5.03 16.89
N ALA D 31 9.04 -5.13 15.57
CA ALA D 31 9.29 -6.41 14.90
C ALA D 31 10.72 -6.87 15.11
N LEU D 32 11.69 -6.00 14.83
CA LEU D 32 13.09 -6.35 15.02
C LEU D 32 13.57 -6.11 16.45
N ALA D 33 12.72 -5.56 17.32
CA ALA D 33 13.06 -5.32 18.72
C ALA D 33 14.33 -4.47 18.84
N VAL D 34 14.26 -3.27 18.26
CA VAL D 34 15.33 -2.29 18.32
C VAL D 34 14.73 -0.92 18.62
N HIS D 35 15.61 0.04 18.91
CA HIS D 35 15.17 1.41 19.12
C HIS D 35 14.83 2.04 17.76
N PRO D 36 13.75 2.83 17.68
CA PRO D 36 13.29 3.27 16.35
C PRO D 36 14.29 4.15 15.59
N SER D 37 15.22 4.80 16.28
CA SER D 37 16.21 5.60 15.56
C SER D 37 17.14 4.71 14.75
N SER D 38 17.43 3.50 15.25
CA SER D 38 18.17 2.53 14.45
C SER D 38 17.38 2.08 13.24
N VAL D 39 16.04 2.15 13.30
CA VAL D 39 15.22 1.85 12.14
C VAL D 39 15.33 2.96 11.10
N THR D 40 15.23 4.21 11.55
CA THR D 40 15.38 5.34 10.63
C THR D 40 16.74 5.31 9.95
N LYS D 41 17.80 5.07 10.73
CA LYS D 41 19.15 5.11 10.18
C LYS D 41 19.35 4.05 9.11
N MET D 42 18.68 2.90 9.24
CA MET D 42 18.81 1.84 8.26
C MET D 42 17.91 2.07 7.06
N VAL D 43 16.74 2.68 7.28
CA VAL D 43 15.87 3.02 6.17
C VAL D 43 16.56 4.00 5.23
N GLN D 44 17.21 5.01 5.79
CA GLN D 44 17.89 5.99 4.95
C GLN D 44 19.07 5.39 4.19
N LYS D 45 19.56 4.23 4.61
CA LYS D 45 20.62 3.52 3.89
C LYS D 45 20.05 2.61 2.80
N LEU D 46 18.97 1.89 3.11
CA LEU D 46 18.28 1.12 2.08
C LEU D 46 17.72 2.02 0.99
N ASP D 47 17.44 3.29 1.30
CA ASP D 47 17.01 4.23 0.27
C ASP D 47 18.14 4.59 -0.68
N LYS D 48 19.40 4.51 -0.23
CA LYS D 48 20.53 4.83 -1.09
C LYS D 48 21.12 3.59 -1.75
N ASP D 49 20.79 2.40 -1.26
CA ASP D 49 21.04 1.17 -2.02
C ASP D 49 19.95 0.87 -3.04
N GLU D 50 18.91 1.70 -3.09
CA GLU D 50 17.81 1.60 -4.06
C GLU D 50 16.91 0.40 -3.82
N TYR D 51 16.86 -0.13 -2.60
CA TYR D 51 15.86 -1.14 -2.27
C TYR D 51 14.46 -0.56 -2.06
N LEU D 52 14.36 0.71 -1.66
CA LEU D 52 13.07 1.31 -1.36
C LEU D 52 13.13 2.81 -1.60
N ILE D 53 11.94 3.40 -1.65
CA ILE D 53 11.75 4.84 -1.80
C ILE D 53 11.28 5.38 -0.45
N TYR D 54 12.00 6.37 0.05
CA TYR D 54 11.80 6.93 1.39
C TYR D 54 11.36 8.39 1.27
N GLU D 55 10.29 8.75 1.97
CA GLU D 55 9.81 10.13 2.02
C GLU D 55 9.80 10.61 3.46
N LYS D 56 10.46 11.74 3.70
CA LYS D 56 10.72 12.26 5.02
C LYS D 56 9.42 12.51 5.78
N TYR D 57 9.31 11.94 6.98
CA TYR D 57 8.08 12.00 7.78
C TYR D 57 6.85 11.52 7.01
N ARG D 58 7.04 10.77 5.93
CA ARG D 58 5.88 10.23 5.22
C ARG D 58 5.84 8.71 5.12
N GLY D 59 6.92 8.06 4.67
CA GLY D 59 6.86 6.61 4.67
C GLY D 59 7.78 5.97 3.64
N LEU D 60 7.49 4.70 3.38
CA LEU D 60 8.30 3.81 2.56
C LEU D 60 7.49 3.21 1.42
N VAL D 61 8.18 2.83 0.36
CA VAL D 61 7.62 1.95 -0.67
C VAL D 61 8.75 1.07 -1.19
N LEU D 62 8.48 -0.22 -1.35
CA LEU D 62 9.50 -1.09 -1.93
C LEU D 62 9.58 -0.89 -3.44
N THR D 63 10.81 -0.82 -3.95
CA THR D 63 11.04 -0.77 -5.39
C THR D 63 10.98 -2.18 -5.98
N SER D 64 11.13 -2.26 -7.30
CA SER D 64 11.10 -3.56 -7.97
C SER D 64 12.21 -4.48 -7.49
N LYS D 65 13.36 -3.93 -7.07
CA LYS D 65 14.40 -4.75 -6.46
C LYS D 65 13.93 -5.33 -5.14
N GLY D 66 13.44 -4.46 -4.25
CA GLY D 66 13.10 -4.89 -2.91
C GLY D 66 11.96 -5.88 -2.86
N LYS D 67 10.96 -5.71 -3.72
CA LYS D 67 9.85 -6.64 -3.75
C LYS D 67 10.33 -8.04 -4.10
N LYS D 68 11.16 -8.17 -5.15
CA LYS D 68 11.60 -9.48 -5.58
C LYS D 68 12.63 -10.08 -4.61
N ILE D 69 13.33 -9.25 -3.84
CA ILE D 69 14.23 -9.79 -2.82
C ILE D 69 13.42 -10.31 -1.63
N GLY D 70 12.56 -9.47 -1.08
CA GLY D 70 11.76 -9.87 0.07
C GLY D 70 10.84 -11.05 -0.21
N LYS D 71 10.30 -11.14 -1.43
CA LYS D 71 9.44 -12.26 -1.77
C LYS D 71 10.20 -13.59 -1.64
N ARG D 72 11.49 -13.58 -1.94
CA ARG D 72 12.32 -14.78 -1.78
C ARG D 72 12.67 -15.03 -0.31
N LEU D 73 12.98 -13.95 0.43
CA LEU D 73 13.31 -14.12 1.84
C LEU D 73 12.15 -14.71 2.62
N VAL D 74 10.91 -14.32 2.29
CA VAL D 74 9.76 -14.84 3.02
C VAL D 74 9.57 -16.32 2.71
N TYR D 75 9.80 -16.71 1.46
CA TYR D 75 9.72 -18.13 1.11
C TYR D 75 10.75 -18.93 1.90
N ARG D 76 11.97 -18.41 2.02
CA ARG D 76 12.98 -19.08 2.84
C ARG D 76 12.50 -19.25 4.28
N HIS D 77 11.92 -18.19 4.85
CA HIS D 77 11.41 -18.27 6.22
C HIS D 77 10.36 -19.37 6.37
N GLU D 78 9.37 -19.38 5.48
CA GLU D 78 8.31 -20.38 5.57
C GLU D 78 8.86 -21.79 5.39
N LEU D 79 9.78 -21.97 4.45
CA LEU D 79 10.33 -23.30 4.22
C LEU D 79 11.06 -23.81 5.46
N LEU D 80 11.84 -22.94 6.11
CA LEU D 80 12.57 -23.41 7.28
C LEU D 80 11.63 -23.70 8.45
N GLU D 81 10.58 -22.90 8.62
CA GLU D 81 9.59 -23.23 9.65
C GLU D 81 8.97 -24.59 9.38
N GLN D 82 8.60 -24.86 8.13
CA GLN D 82 8.00 -26.14 7.80
C GLN D 82 8.99 -27.29 8.02
N PHE D 83 10.27 -27.07 7.71
CA PHE D 83 11.28 -28.10 7.95
C PHE D 83 11.37 -28.45 9.43
N LEU D 84 11.56 -27.45 10.28
CA LEU D 84 11.71 -27.74 11.70
C LEU D 84 10.43 -28.28 12.31
N ARG D 85 9.27 -27.95 11.74
CA ARG D 85 8.03 -28.50 12.25
C ARG D 85 7.85 -29.96 11.83
N ILE D 86 8.29 -30.30 10.62
CA ILE D 86 8.27 -31.70 10.19
C ILE D 86 9.19 -32.54 11.07
N ILE D 87 10.38 -32.00 11.39
CA ILE D 87 11.41 -32.82 12.01
C ILE D 87 11.07 -33.18 13.45
N GLY D 88 10.15 -32.46 14.08
CA GLY D 88 9.68 -32.78 15.41
C GLY D 88 10.13 -31.86 16.53
N VAL D 89 10.45 -30.60 16.23
CA VAL D 89 10.86 -29.65 17.25
C VAL D 89 9.64 -29.05 17.92
N ASP D 90 9.73 -28.80 19.22
CA ASP D 90 8.63 -28.20 19.96
C ASP D 90 8.43 -26.75 19.54
N GLU D 91 7.17 -26.34 19.43
CA GLU D 91 6.82 -25.09 18.77
C GLU D 91 7.36 -23.86 19.46
N GLU D 92 7.82 -23.97 20.71
CA GLU D 92 8.39 -22.80 21.39
C GLU D 92 9.59 -22.25 20.64
N LYS D 93 10.51 -23.14 20.22
CA LYS D 93 11.85 -22.75 19.83
C LYS D 93 12.02 -22.58 18.32
N ILE D 94 10.98 -22.90 17.54
CA ILE D 94 11.10 -22.93 16.09
C ILE D 94 11.40 -21.54 15.54
N TYR D 95 10.67 -20.53 16.03
CA TYR D 95 10.88 -19.18 15.51
C TYR D 95 12.29 -18.69 15.79
N ASN D 96 12.80 -18.92 17.00
CA ASN D 96 14.13 -18.46 17.34
C ASN D 96 15.19 -19.19 16.53
N ASP D 97 15.03 -20.50 16.35
CA ASP D 97 15.99 -21.25 15.53
C ASP D 97 15.97 -20.75 14.09
N VAL D 98 14.77 -20.51 13.55
CA VAL D 98 14.67 -20.08 12.16
C VAL D 98 15.33 -18.72 11.97
N GLU D 99 14.96 -17.75 12.80
CA GLU D 99 15.58 -16.43 12.67
C GLU D 99 17.06 -16.45 13.02
N GLY D 100 17.54 -17.49 13.69
CA GLY D 100 18.98 -17.62 13.90
C GLY D 100 19.70 -18.12 12.68
N ILE D 101 19.27 -19.27 12.15
CA ILE D 101 20.05 -19.94 11.11
C ILE D 101 19.81 -19.35 9.73
N GLU D 102 18.61 -18.83 9.46
CA GLU D 102 18.20 -18.58 8.07
C GLU D 102 19.17 -17.67 7.34
N HIS D 103 19.83 -16.75 8.04
CA HIS D 103 20.70 -15.78 7.39
C HIS D 103 22.10 -16.32 7.10
N HIS D 104 22.46 -17.50 7.61
CA HIS D 104 23.76 -18.10 7.36
C HIS D 104 23.74 -19.26 6.38
N LEU D 105 22.57 -19.79 6.06
CA LEU D 105 22.48 -20.89 5.11
C LEU D 105 22.64 -20.39 3.68
N SER D 106 23.39 -21.14 2.87
CA SER D 106 23.45 -20.88 1.45
C SER D 106 22.16 -21.33 0.77
N TRP D 107 21.95 -20.87 -0.46
CA TRP D 107 20.75 -21.24 -1.19
C TRP D 107 20.81 -22.65 -1.75
N ASN D 108 21.99 -23.25 -1.88
CA ASN D 108 22.07 -24.68 -2.17
C ASN D 108 21.47 -25.49 -1.02
N SER D 109 21.80 -25.09 0.21
CA SER D 109 21.21 -25.73 1.38
C SER D 109 19.70 -25.59 1.37
N ILE D 110 19.20 -24.39 1.10
CA ILE D 110 17.76 -24.18 1.08
C ILE D 110 17.11 -25.04 0.01
N ASP D 111 17.75 -25.13 -1.16
CA ASP D 111 17.18 -25.89 -2.26
C ASP D 111 17.09 -27.37 -1.90
N ARG D 112 18.09 -27.90 -1.20
CA ARG D 112 18.06 -29.32 -0.83
C ARG D 112 17.13 -29.57 0.36
N ILE D 113 16.99 -28.60 1.27
CA ILE D 113 16.02 -28.73 2.35
C ILE D 113 14.61 -28.76 1.77
N GLY D 114 14.38 -28.07 0.66
CA GLY D 114 13.09 -28.15 0.01
C GLY D 114 12.80 -29.55 -0.50
N ASP D 115 13.80 -30.22 -1.08
CA ASP D 115 13.62 -31.61 -1.51
C ASP D 115 13.33 -32.51 -0.33
N LEU D 116 14.01 -32.29 0.81
CA LEU D 116 13.74 -33.11 1.99
C LEU D 116 12.30 -32.90 2.48
N VAL D 117 11.86 -31.65 2.54
CA VAL D 117 10.49 -31.37 3.00
C VAL D 117 9.48 -32.01 2.07
N GLN D 118 9.71 -31.93 0.75
CA GLN D 118 8.80 -32.59 -0.19
C GLN D 118 8.84 -34.10 -0.03
N TYR D 119 10.02 -34.68 0.22
CA TYR D 119 10.11 -36.11 0.47
C TYR D 119 9.23 -36.52 1.63
N PHE D 120 9.11 -35.68 2.66
CA PHE D 120 8.25 -36.02 3.79
C PHE D 120 6.79 -35.62 3.62
N GLU D 121 6.47 -34.66 2.76
CA GLU D 121 5.07 -34.29 2.56
C GLU D 121 4.35 -35.12 1.51
N GLU D 122 5.08 -35.94 0.74
CA GLU D 122 4.44 -36.76 -0.29
C GLU D 122 3.95 -38.10 0.24
N ASP D 123 4.13 -38.41 1.52
CA ASP D 123 3.69 -39.68 2.08
C ASP D 123 3.41 -39.51 3.57
N ASP D 124 2.61 -40.44 4.10
CA ASP D 124 2.24 -40.43 5.51
C ASP D 124 3.02 -41.43 6.35
N ALA D 125 3.41 -42.56 5.75
CA ALA D 125 4.13 -43.59 6.52
C ALA D 125 5.52 -43.10 6.92
N ARG D 126 6.14 -42.26 6.09
CA ARG D 126 7.48 -41.78 6.36
C ARG D 126 7.54 -40.97 7.65
N LYS D 127 6.56 -40.11 7.88
CA LYS D 127 6.56 -39.29 9.09
C LYS D 127 6.33 -40.14 10.33
N LYS D 128 5.59 -41.24 10.22
CA LYS D 128 5.37 -42.12 11.36
C LYS D 128 6.56 -43.03 11.63
N ASP D 129 7.29 -43.44 10.60
CA ASP D 129 8.57 -44.11 10.85
C ASP D 129 9.56 -43.17 11.53
N LEU D 130 9.58 -41.90 11.12
CA LEU D 130 10.44 -40.92 11.77
C LEU D 130 10.04 -40.73 13.24
N LYS D 131 8.73 -40.63 13.50
CA LYS D 131 8.28 -40.53 14.88
C LYS D 131 8.61 -41.78 15.67
N SER D 132 8.55 -42.96 15.04
CA SER D 132 8.84 -44.20 15.75
C SER D 132 10.31 -44.34 16.08
N ILE D 133 11.20 -43.75 15.28
CA ILE D 133 12.61 -43.73 15.67
C ILE D 133 12.85 -42.69 16.76
N GLN D 134 12.14 -41.55 16.72
CA GLN D 134 12.27 -40.57 17.79
C GLN D 134 11.82 -41.14 19.13
N LYS D 135 10.73 -41.90 19.12
CA LYS D 135 10.18 -42.46 20.36
C LYS D 135 11.01 -43.61 20.92
N LYS D 136 12.18 -43.95 20.37
CA LYS D 136 13.08 -44.86 21.05
C LYS D 136 14.54 -44.44 20.96
N THR D 137 14.84 -43.29 20.35
CA THR D 137 16.18 -42.74 20.40
C THR D 137 16.12 -41.22 20.57
N THR E 3 -22.62 10.33 -0.77
CA THR E 3 -22.95 11.77 -0.74
C THR E 3 -21.70 12.62 -1.01
N PRO E 4 -21.90 13.86 -1.46
CA PRO E 4 -20.76 14.67 -1.92
C PRO E 4 -19.61 14.77 -0.93
N SER E 5 -19.89 15.17 0.30
CA SER E 5 -18.83 15.49 1.25
C SER E 5 -18.01 14.27 1.64
N MET E 6 -18.59 13.07 1.55
CA MET E 6 -17.84 11.84 1.76
C MET E 6 -17.17 11.35 0.49
N GLU E 7 -17.80 11.61 -0.66
CA GLU E 7 -17.22 11.21 -1.93
C GLU E 7 -15.91 11.96 -2.19
N ASP E 8 -15.82 13.22 -1.77
CA ASP E 8 -14.55 13.93 -1.90
C ASP E 8 -13.43 13.22 -1.15
N TYR E 9 -13.70 12.71 0.05
CA TYR E 9 -12.66 12.05 0.82
C TYR E 9 -12.32 10.70 0.23
N ILE E 10 -13.32 9.94 -0.21
CA ILE E 10 -13.02 8.66 -0.87
C ILE E 10 -12.17 8.89 -2.10
N GLU E 11 -12.53 9.89 -2.91
CA GLU E 11 -11.79 10.19 -4.13
C GLU E 11 -10.34 10.54 -3.82
N GLN E 12 -10.12 11.44 -2.87
CA GLN E 12 -8.76 11.89 -2.61
C GLN E 12 -7.93 10.78 -1.97
N ILE E 13 -8.52 9.99 -1.07
CA ILE E 13 -7.80 8.89 -0.47
C ILE E 13 -7.38 7.88 -1.53
N TYR E 14 -8.31 7.56 -2.44
CA TYR E 14 -7.98 6.63 -3.52
C TYR E 14 -6.84 7.18 -4.38
N MET E 15 -6.90 8.47 -4.73
CA MET E 15 -5.86 9.03 -5.58
C MET E 15 -4.50 9.00 -4.89
N LEU E 16 -4.45 9.30 -3.60
CA LEU E 16 -3.17 9.26 -2.90
C LEU E 16 -2.62 7.84 -2.81
N ILE E 17 -3.48 6.87 -2.50
CA ILE E 17 -3.05 5.47 -2.46
C ILE E 17 -2.51 5.06 -3.81
N GLU E 18 -3.23 5.40 -4.88
CA GLU E 18 -2.81 5.01 -6.22
C GLU E 18 -1.47 5.65 -6.58
N GLU E 19 -1.29 6.93 -6.24
CA GLU E 19 -0.09 7.65 -6.67
C GLU E 19 1.14 7.20 -5.91
N LYS E 20 1.05 7.07 -4.58
CA LYS E 20 2.25 6.85 -3.79
C LYS E 20 2.13 5.75 -2.73
N GLY E 21 1.04 5.00 -2.72
CA GLY E 21 0.93 3.80 -1.91
C GLY E 21 0.52 4.01 -0.48
N TYR E 22 0.50 5.25 0.02
CA TYR E 22 0.04 5.51 1.37
C TYR E 22 -0.65 6.87 1.42
N ALA E 23 -1.72 6.95 2.21
CA ALA E 23 -2.47 8.17 2.42
C ALA E 23 -2.30 8.62 3.86
N ARG E 24 -1.80 9.84 4.05
CA ARG E 24 -1.55 10.40 5.36
C ARG E 24 -2.56 11.50 5.63
N VAL E 25 -2.82 11.76 6.92
CA VAL E 25 -3.76 12.82 7.28
C VAL E 25 -3.25 14.16 6.76
N SER E 26 -1.95 14.40 6.89
CA SER E 26 -1.37 15.67 6.46
C SER E 26 -1.34 15.81 4.94
N ASP E 27 -1.52 14.72 4.19
CA ASP E 27 -1.64 14.83 2.74
C ASP E 27 -3.08 15.10 2.33
N ILE E 28 -4.03 14.42 2.95
CA ILE E 28 -5.44 14.65 2.65
C ILE E 28 -5.82 16.07 3.03
N ALA E 29 -5.25 16.59 4.12
CA ALA E 29 -5.61 17.94 4.55
C ALA E 29 -5.21 18.98 3.50
N GLU E 30 -4.03 18.84 2.90
CA GLU E 30 -3.64 19.78 1.83
C GLU E 30 -4.46 19.52 0.57
N ALA E 31 -4.65 18.25 0.20
CA ALA E 31 -5.39 17.97 -1.02
C ALA E 31 -6.80 18.52 -0.95
N LEU E 32 -7.37 18.64 0.25
CA LEU E 32 -8.70 19.22 0.43
C LEU E 32 -8.66 20.64 0.95
N ALA E 33 -7.51 21.13 1.41
CA ALA E 33 -7.38 22.47 1.98
C ALA E 33 -8.28 22.63 3.19
N VAL E 34 -8.09 21.73 4.17
CA VAL E 34 -8.85 21.74 5.41
C VAL E 34 -7.91 21.52 6.58
N HIS E 35 -8.38 21.83 7.77
CA HIS E 35 -7.60 21.57 8.98
C HIS E 35 -7.57 20.07 9.25
N PRO E 36 -6.42 19.51 9.66
CA PRO E 36 -6.33 18.06 9.80
C PRO E 36 -7.32 17.46 10.79
N SER E 37 -7.79 18.23 11.77
CA SER E 37 -8.79 17.71 12.71
C SER E 37 -10.04 17.25 11.97
N SER E 38 -10.43 17.96 10.91
CA SER E 38 -11.57 17.52 10.13
C SER E 38 -11.28 16.21 9.41
N VAL E 39 -10.05 16.02 8.96
CA VAL E 39 -9.70 14.79 8.25
C VAL E 39 -9.77 13.60 9.20
N THR E 40 -9.21 13.75 10.40
CA THR E 40 -9.28 12.64 11.37
C THR E 40 -10.72 12.38 11.80
N LYS E 41 -11.49 13.44 12.08
CA LYS E 41 -12.88 13.25 12.49
C LYS E 41 -13.72 12.65 11.38
N MET E 42 -13.29 12.74 10.12
CA MET E 42 -14.02 12.14 9.02
C MET E 42 -13.55 10.73 8.71
N VAL E 43 -12.27 10.42 8.92
CA VAL E 43 -11.83 9.03 8.79
C VAL E 43 -12.47 8.18 9.87
N GLN E 44 -12.58 8.70 11.09
CA GLN E 44 -13.28 7.98 12.15
C GLN E 44 -14.78 7.89 11.89
N LYS E 45 -15.27 8.53 10.84
CA LYS E 45 -16.66 8.46 10.42
C LYS E 45 -16.86 7.56 9.22
N LEU E 46 -15.87 7.47 8.34
CA LEU E 46 -15.88 6.52 7.24
C LEU E 46 -15.50 5.10 7.67
N ASP E 47 -14.88 4.95 8.84
CA ASP E 47 -14.54 3.60 9.29
C ASP E 47 -15.76 2.78 9.67
N LYS E 48 -16.78 3.42 10.25
CA LYS E 48 -17.98 2.69 10.68
C LYS E 48 -18.92 2.37 9.53
N ASP E 49 -18.85 3.11 8.42
CA ASP E 49 -19.58 2.72 7.23
C ASP E 49 -18.83 1.65 6.43
N GLU E 50 -17.68 1.20 6.92
CA GLU E 50 -16.92 0.09 6.35
C GLU E 50 -16.29 0.45 5.00
N TYR E 51 -16.16 1.74 4.69
CA TYR E 51 -15.32 2.14 3.55
C TYR E 51 -13.84 2.03 3.89
N LEU E 52 -13.48 2.10 5.17
CA LEU E 52 -12.09 2.18 5.59
C LEU E 52 -11.80 1.17 6.70
N ILE E 53 -10.53 0.80 6.79
CA ILE E 53 -9.94 0.18 7.98
C ILE E 53 -8.99 1.21 8.58
N TYR E 54 -9.29 1.64 9.80
CA TYR E 54 -8.61 2.75 10.46
C TYR E 54 -7.87 2.26 11.69
N GLU E 55 -6.57 2.55 11.75
CA GLU E 55 -5.72 2.19 12.88
C GLU E 55 -5.16 3.48 13.48
N LYS E 56 -5.47 3.71 14.76
CA LYS E 56 -5.19 5.00 15.38
C LYS E 56 -3.69 5.24 15.49
N TYR E 57 -3.26 6.44 15.10
CA TYR E 57 -1.84 6.81 15.01
C TYR E 57 -1.04 5.90 14.09
N ARG E 58 -1.69 5.06 13.28
CA ARG E 58 -0.95 4.23 12.33
C ARG E 58 -1.31 4.49 10.88
N GLY E 59 -2.60 4.49 10.53
CA GLY E 59 -2.95 4.73 9.15
C GLY E 59 -4.37 4.31 8.84
N LEU E 60 -4.64 4.22 7.54
CA LEU E 60 -5.95 3.81 7.03
C LEU E 60 -5.78 3.10 5.70
N VAL E 61 -6.73 2.23 5.38
CA VAL E 61 -6.71 1.45 4.14
C VAL E 61 -8.13 1.32 3.61
N LEU E 62 -8.27 1.26 2.30
CA LEU E 62 -9.59 1.10 1.68
C LEU E 62 -10.01 -0.37 1.67
N THR E 63 -11.25 -0.63 2.05
CA THR E 63 -11.84 -1.96 1.93
C THR E 63 -12.33 -2.19 0.51
N SER E 64 -12.85 -3.39 0.25
CA SER E 64 -13.38 -3.70 -1.07
C SER E 64 -14.57 -2.84 -1.44
N LYS E 65 -15.36 -2.40 -0.46
CA LYS E 65 -16.43 -1.45 -0.75
C LYS E 65 -15.85 -0.12 -1.21
N GLY E 66 -14.79 0.34 -0.55
CA GLY E 66 -14.24 1.65 -0.86
C GLY E 66 -13.61 1.74 -2.24
N LYS E 67 -12.87 0.70 -2.64
CA LYS E 67 -12.17 0.74 -3.92
C LYS E 67 -13.12 0.80 -5.10
N LYS E 68 -14.22 0.05 -5.03
CA LYS E 68 -15.20 0.04 -6.11
C LYS E 68 -15.79 1.42 -6.33
N ILE E 69 -15.95 2.19 -5.25
CA ILE E 69 -16.45 3.56 -5.37
C ILE E 69 -15.36 4.49 -5.87
N GLY E 70 -14.17 4.40 -5.28
CA GLY E 70 -13.09 5.30 -5.65
C GLY E 70 -12.74 5.23 -7.12
N LYS E 71 -12.73 4.03 -7.69
CA LYS E 71 -12.44 3.91 -9.11
C LYS E 71 -13.46 4.68 -9.95
N ARG E 72 -14.74 4.56 -9.60
CA ARG E 72 -15.77 5.27 -10.34
C ARG E 72 -15.64 6.78 -10.17
N LEU E 73 -15.31 7.22 -8.96
CA LEU E 73 -15.15 8.66 -8.73
C LEU E 73 -14.01 9.22 -9.57
N VAL E 74 -12.88 8.51 -9.62
CA VAL E 74 -11.76 9.00 -10.42
C VAL E 74 -12.11 8.97 -11.90
N TYR E 75 -12.86 7.95 -12.33
CA TYR E 75 -13.32 7.91 -13.72
C TYR E 75 -14.17 9.13 -14.05
N ARG E 76 -15.11 9.47 -13.17
CA ARG E 76 -15.93 10.67 -13.39
C ARG E 76 -15.07 11.92 -13.46
N HIS E 77 -14.09 12.04 -12.56
CA HIS E 77 -13.22 13.21 -12.56
C HIS E 77 -12.51 13.35 -13.90
N GLU E 78 -11.85 12.27 -14.35
CA GLU E 78 -11.10 12.32 -15.60
C GLU E 78 -12.03 12.58 -16.78
N LEU E 79 -13.21 11.95 -16.79
CA LEU E 79 -14.12 12.13 -17.92
C LEU E 79 -14.56 13.59 -18.03
N LEU E 80 -14.96 14.19 -16.91
CA LEU E 80 -15.42 15.58 -16.98
C LEU E 80 -14.28 16.52 -17.34
N GLU E 81 -13.07 16.27 -16.83
CA GLU E 81 -11.94 17.10 -17.23
C GLU E 81 -11.71 17.00 -18.74
N GLN E 82 -11.75 15.77 -19.27
CA GLN E 82 -11.52 15.60 -20.70
C GLN E 82 -12.62 16.25 -21.53
N PHE E 83 -13.86 16.19 -21.07
CA PHE E 83 -14.95 16.85 -21.78
C PHE E 83 -14.71 18.35 -21.85
N LEU E 84 -14.45 18.97 -20.69
CA LEU E 84 -14.19 20.41 -20.70
C LEU E 84 -12.98 20.75 -21.57
N ARG E 85 -11.97 19.87 -21.59
CA ARG E 85 -10.79 20.12 -22.41
C ARG E 85 -11.11 20.02 -23.89
N ILE E 86 -11.98 19.10 -24.27
CA ILE E 86 -12.41 18.99 -25.67
C ILE E 86 -13.18 20.23 -26.08
N ILE E 87 -14.02 20.76 -25.18
CA ILE E 87 -14.81 21.93 -25.55
C ILE E 87 -13.99 23.22 -25.52
N GLY E 88 -12.82 23.22 -24.88
CA GLY E 88 -11.91 24.33 -24.96
C GLY E 88 -11.96 25.32 -23.82
N VAL E 89 -12.26 24.89 -22.60
CA VAL E 89 -12.27 25.79 -21.45
C VAL E 89 -10.85 26.21 -21.11
N ASP E 90 -10.71 27.41 -20.55
CA ASP E 90 -9.40 27.92 -20.17
C ASP E 90 -8.71 26.96 -19.20
N GLU E 91 -7.41 26.77 -19.41
CA GLU E 91 -6.69 25.68 -18.71
C GLU E 91 -6.80 25.82 -17.19
N GLU E 92 -6.57 27.02 -16.66
CA GLU E 92 -6.53 27.18 -15.21
C GLU E 92 -7.91 27.01 -14.57
N LYS E 93 -8.98 27.12 -15.36
CA LYS E 93 -10.33 27.07 -14.80
C LYS E 93 -10.92 25.66 -14.75
N ILE E 94 -10.36 24.74 -15.54
CA ILE E 94 -10.95 23.41 -15.67
C ILE E 94 -10.98 22.69 -14.34
N TYR E 95 -9.86 22.71 -13.61
CA TYR E 95 -9.81 22.01 -12.33
C TYR E 95 -10.72 22.63 -11.28
N ASN E 96 -10.96 23.94 -11.36
CA ASN E 96 -11.87 24.57 -10.43
C ASN E 96 -13.32 24.23 -10.75
N ASP E 97 -13.67 24.17 -12.04
CA ASP E 97 -15.04 23.87 -12.43
C ASP E 97 -15.40 22.41 -12.23
N VAL E 98 -14.46 21.49 -12.51
CA VAL E 98 -14.78 20.07 -12.47
C VAL E 98 -15.05 19.62 -11.04
N GLU E 99 -14.20 20.05 -10.10
CA GLU E 99 -14.42 19.69 -8.71
C GLU E 99 -15.69 20.31 -8.15
N GLY E 100 -16.18 21.37 -8.76
CA GLY E 100 -17.43 21.97 -8.36
C GLY E 100 -18.63 21.18 -8.82
N ILE E 101 -18.73 20.97 -10.14
CA ILE E 101 -19.95 20.38 -10.69
C ILE E 101 -20.03 18.87 -10.45
N GLU E 102 -18.89 18.20 -10.30
CA GLU E 102 -18.86 16.76 -10.48
C GLU E 102 -19.81 16.03 -9.54
N HIS E 103 -19.99 16.51 -8.31
CA HIS E 103 -20.76 15.75 -7.33
C HIS E 103 -22.27 15.95 -7.47
N HIS E 104 -22.72 16.95 -8.21
CA HIS E 104 -24.15 17.17 -8.40
C HIS E 104 -24.71 16.45 -9.62
N LEU E 105 -23.86 15.82 -10.43
CA LEU E 105 -24.31 15.23 -11.70
C LEU E 105 -24.78 13.80 -11.50
N SER E 106 -26.00 13.51 -11.97
CA SER E 106 -26.48 12.14 -12.00
C SER E 106 -25.61 11.29 -12.92
N TRP E 107 -25.43 10.02 -12.54
CA TRP E 107 -24.65 9.11 -13.36
C TRP E 107 -25.25 8.94 -14.75
N ASN E 108 -26.54 9.21 -14.91
CA ASN E 108 -27.16 9.16 -16.23
C ASN E 108 -26.53 10.19 -17.17
N SER E 109 -26.43 11.44 -16.71
CA SER E 109 -25.81 12.47 -17.53
C SER E 109 -24.30 12.27 -17.63
N ILE E 110 -23.68 11.63 -16.64
CA ILE E 110 -22.27 11.27 -16.77
C ILE E 110 -22.08 10.30 -17.94
N ASP E 111 -22.96 9.30 -18.03
CA ASP E 111 -22.88 8.34 -19.13
C ASP E 111 -23.12 9.04 -20.47
N ARG E 112 -24.12 9.93 -20.53
CA ARG E 112 -24.38 10.60 -21.81
C ARG E 112 -23.24 11.53 -22.19
N ILE E 113 -22.57 12.14 -21.20
CA ILE E 113 -21.35 12.90 -21.48
C ILE E 113 -20.25 11.98 -21.97
N GLY E 114 -20.18 10.76 -21.44
CA GLY E 114 -19.22 9.80 -21.94
C GLY E 114 -19.45 9.41 -23.38
N ASP E 115 -20.70 9.47 -23.84
CA ASP E 115 -20.98 9.31 -25.27
C ASP E 115 -20.65 10.56 -26.06
N LEU E 116 -20.92 11.73 -25.49
CA LEU E 116 -20.61 12.99 -26.18
C LEU E 116 -19.11 13.14 -26.42
N VAL E 117 -18.29 12.75 -25.44
CA VAL E 117 -16.85 12.92 -25.57
C VAL E 117 -16.32 12.09 -26.73
N GLN E 118 -16.79 10.86 -26.88
CA GLN E 118 -16.30 10.01 -27.95
C GLN E 118 -16.87 10.41 -29.31
N TYR E 119 -18.06 11.03 -29.34
CA TYR E 119 -18.53 11.56 -30.63
C TYR E 119 -17.47 12.45 -31.27
N PHE E 120 -16.79 13.28 -30.46
CA PHE E 120 -15.74 14.16 -30.97
C PHE E 120 -14.37 13.50 -31.01
N GLU E 121 -14.08 12.59 -30.08
CA GLU E 121 -12.81 11.87 -30.12
C GLU E 121 -12.73 10.95 -31.33
N GLU E 122 -13.85 10.64 -31.97
CA GLU E 122 -13.82 9.69 -33.07
C GLU E 122 -13.12 10.23 -34.31
N ASP E 123 -13.18 11.54 -34.55
CA ASP E 123 -12.74 12.09 -35.82
C ASP E 123 -12.05 13.42 -35.61
N ASP E 124 -10.86 13.57 -36.21
CA ASP E 124 -10.14 14.83 -36.15
C ASP E 124 -10.89 15.97 -36.83
N ALA E 125 -11.76 15.67 -37.78
CA ALA E 125 -12.44 16.73 -38.52
C ALA E 125 -13.37 17.52 -37.62
N ARG E 126 -14.10 16.83 -36.74
CA ARG E 126 -15.13 17.46 -35.94
C ARG E 126 -14.56 18.50 -34.98
N LYS E 127 -13.38 18.22 -34.42
CA LYS E 127 -12.81 19.10 -33.40
C LYS E 127 -12.50 20.49 -33.94
N LYS E 128 -12.36 20.63 -35.26
CA LYS E 128 -12.18 21.94 -35.89
C LYS E 128 -13.41 22.40 -36.67
N ASP E 129 -14.29 21.48 -37.07
CA ASP E 129 -15.62 21.89 -37.50
C ASP E 129 -16.28 22.71 -36.40
N LEU E 130 -16.16 22.25 -35.15
CA LEU E 130 -16.70 23.02 -34.02
C LEU E 130 -16.00 24.37 -33.89
N LYS E 131 -14.69 24.42 -34.12
CA LYS E 131 -14.01 25.71 -34.10
C LYS E 131 -14.47 26.62 -35.23
N SER E 132 -15.04 26.05 -36.28
CA SER E 132 -15.67 26.88 -37.31
C SER E 132 -16.91 27.58 -36.77
N ILE E 133 -17.60 26.98 -35.81
CA ILE E 133 -18.66 27.69 -35.08
C ILE E 133 -18.05 28.70 -34.13
N GLN E 134 -16.95 28.33 -33.47
CA GLN E 134 -16.34 29.22 -32.48
C GLN E 134 -15.90 30.53 -33.13
N LYS E 135 -15.20 30.46 -34.26
CA LYS E 135 -14.52 31.63 -34.80
C LYS E 135 -15.49 32.70 -35.29
N LYS E 136 -16.70 32.33 -35.67
CA LYS E 136 -17.64 33.32 -36.20
C LYS E 136 -18.36 34.09 -35.11
N THR E 137 -18.03 33.88 -33.85
CA THR E 137 -18.59 34.68 -32.77
C THR E 137 -18.08 36.12 -32.87
N THR F 3 -21.08 30.47 -1.12
CA THR F 3 -22.07 29.36 -1.12
C THR F 3 -23.17 29.61 -2.17
N PRO F 4 -23.73 28.53 -2.71
CA PRO F 4 -24.64 28.68 -3.87
C PRO F 4 -25.99 29.29 -3.53
N SER F 5 -26.50 29.10 -2.32
CA SER F 5 -27.88 29.41 -2.00
C SER F 5 -28.24 30.89 -2.15
N MET F 6 -27.29 31.75 -2.52
CA MET F 6 -27.54 33.19 -2.55
C MET F 6 -28.19 33.63 -3.85
N GLU F 7 -27.92 32.93 -4.96
CA GLU F 7 -28.31 33.40 -6.29
C GLU F 7 -29.76 33.04 -6.64
N ASP F 8 -30.26 31.91 -6.15
CA ASP F 8 -31.56 31.42 -6.59
C ASP F 8 -32.69 32.36 -6.22
N TYR F 9 -32.57 33.10 -5.11
CA TYR F 9 -33.62 34.07 -4.79
C TYR F 9 -33.72 35.16 -5.86
N ILE F 10 -32.58 35.64 -6.36
CA ILE F 10 -32.64 36.62 -7.46
C ILE F 10 -33.24 35.96 -8.69
N GLU F 11 -32.81 34.73 -9.00
CA GLU F 11 -33.35 34.03 -10.16
C GLU F 11 -34.88 33.94 -10.07
N GLN F 12 -35.38 33.54 -8.91
CA GLN F 12 -36.80 33.31 -8.74
C GLN F 12 -37.58 34.62 -8.75
N ILE F 13 -37.05 35.66 -8.13
CA ILE F 13 -37.75 36.95 -8.14
C ILE F 13 -37.89 37.45 -9.56
N TYR F 14 -36.81 37.36 -10.34
CA TYR F 14 -36.88 37.78 -11.74
C TYR F 14 -37.91 36.96 -12.51
N MET F 15 -37.81 35.63 -12.42
CA MET F 15 -38.76 34.78 -13.14
C MET F 15 -40.19 35.11 -12.74
N LEU F 16 -40.43 35.35 -11.44
CA LEU F 16 -41.79 35.58 -10.98
C LEU F 16 -42.34 36.91 -11.45
N ILE F 17 -41.53 37.97 -11.42
CA ILE F 17 -42.11 39.24 -11.86
C ILE F 17 -42.33 39.25 -13.36
N GLU F 18 -41.54 38.46 -14.12
CA GLU F 18 -41.84 38.35 -15.54
C GLU F 18 -43.05 37.45 -15.81
N GLU F 19 -43.26 36.42 -14.98
CA GLU F 19 -44.34 35.48 -15.26
C GLU F 19 -45.70 36.00 -14.79
N LYS F 20 -45.75 36.56 -13.58
CA LYS F 20 -47.03 36.97 -13.01
C LYS F 20 -46.94 38.31 -12.30
N GLY F 21 -45.83 39.02 -12.43
CA GLY F 21 -45.73 40.38 -11.93
C GLY F 21 -45.99 40.51 -10.45
N TYR F 22 -45.81 39.44 -9.68
CA TYR F 22 -46.20 39.41 -8.27
C TYR F 22 -45.09 38.74 -7.47
N ALA F 23 -44.12 39.54 -7.02
CA ALA F 23 -43.06 39.06 -6.14
C ALA F 23 -43.56 39.05 -4.71
N ARG F 24 -43.57 37.87 -4.09
CA ARG F 24 -44.18 37.70 -2.78
C ARG F 24 -43.42 36.64 -1.99
N VAL F 25 -43.59 36.69 -0.67
CA VAL F 25 -42.90 35.76 0.22
C VAL F 25 -43.47 34.35 0.11
N SER F 26 -44.72 34.21 -0.32
CA SER F 26 -45.39 32.92 -0.29
C SER F 26 -44.87 31.94 -1.36
N ASP F 27 -44.99 32.32 -2.64
CA ASP F 27 -44.83 31.33 -3.70
C ASP F 27 -43.37 30.93 -3.92
N ILE F 28 -42.42 31.74 -3.46
CA ILE F 28 -41.00 31.37 -3.60
C ILE F 28 -40.55 30.45 -2.48
N ALA F 29 -41.42 30.17 -1.50
CA ALA F 29 -41.07 29.28 -0.41
C ALA F 29 -41.26 27.82 -0.78
N GLU F 30 -42.47 27.44 -1.18
CA GLU F 30 -42.74 26.03 -1.50
C GLU F 30 -41.98 25.59 -2.75
N ALA F 31 -41.74 26.50 -3.69
CA ALA F 31 -40.98 26.14 -4.88
C ALA F 31 -39.59 25.64 -4.50
N LEU F 32 -38.99 26.21 -3.46
CA LEU F 32 -37.71 25.76 -2.96
C LEU F 32 -37.84 24.71 -1.87
N ALA F 33 -39.07 24.36 -1.48
CA ALA F 33 -39.32 23.33 -0.48
C ALA F 33 -38.69 23.69 0.88
N VAL F 34 -38.73 24.96 1.25
CA VAL F 34 -38.16 25.42 2.51
C VAL F 34 -39.23 26.18 3.29
N HIS F 35 -39.06 26.19 4.61
CA HIS F 35 -39.99 26.89 5.48
C HIS F 35 -39.91 28.40 5.22
N PRO F 36 -41.05 29.10 5.14
CA PRO F 36 -41.01 30.52 4.73
C PRO F 36 -40.22 31.43 5.66
N SER F 37 -39.91 31.02 6.88
CA SER F 37 -39.09 31.85 7.76
C SER F 37 -37.69 32.06 7.19
N SER F 38 -37.13 31.03 6.55
CA SER F 38 -35.82 31.19 5.93
C SER F 38 -35.87 32.22 4.81
N VAL F 39 -36.94 32.18 4.00
CA VAL F 39 -37.13 33.19 2.97
C VAL F 39 -37.26 34.57 3.59
N THR F 40 -38.02 34.67 4.67
CA THR F 40 -38.19 35.94 5.36
C THR F 40 -36.85 36.51 5.80
N LYS F 41 -35.96 35.65 6.31
CA LYS F 41 -34.66 36.13 6.74
C LYS F 41 -33.78 36.50 5.55
N MET F 42 -33.77 35.68 4.50
CA MET F 42 -32.87 35.92 3.38
C MET F 42 -33.24 37.20 2.63
N VAL F 43 -34.55 37.42 2.41
CA VAL F 43 -34.95 38.60 1.64
C VAL F 43 -34.54 39.87 2.38
N GLN F 44 -34.72 39.88 3.70
CA GLN F 44 -34.30 41.02 4.49
C GLN F 44 -32.80 41.16 4.56
N LYS F 45 -32.05 40.05 4.47
CA LYS F 45 -30.60 40.17 4.40
C LYS F 45 -30.17 40.86 3.11
N LEU F 46 -30.70 40.40 1.97
CA LEU F 46 -30.20 40.92 0.69
C LEU F 46 -30.88 42.19 0.23
N ASP F 47 -31.96 42.63 0.89
CA ASP F 47 -32.49 43.97 0.59
C ASP F 47 -31.46 45.04 0.87
N LYS F 48 -30.60 44.81 1.86
CA LYS F 48 -29.59 45.77 2.28
C LYS F 48 -28.43 45.87 1.30
N ASP F 49 -28.40 45.02 0.28
CA ASP F 49 -27.37 45.06 -0.76
C ASP F 49 -27.88 45.64 -2.07
N GLU F 50 -28.93 46.46 -2.03
CA GLU F 50 -29.46 47.20 -3.18
C GLU F 50 -30.06 46.31 -4.25
N TYR F 51 -30.31 45.02 -3.96
CA TYR F 51 -30.97 44.15 -4.92
C TYR F 51 -32.48 44.31 -4.96
N LEU F 52 -33.10 44.99 -3.99
CA LEU F 52 -34.55 45.01 -3.89
C LEU F 52 -35.08 46.41 -3.58
N ILE F 53 -36.38 46.54 -3.79
CA ILE F 53 -37.19 47.67 -3.33
C ILE F 53 -38.35 47.08 -2.55
N TYR F 54 -38.57 47.60 -1.35
CA TYR F 54 -39.40 46.95 -0.35
C TYR F 54 -40.16 47.99 0.46
N GLU F 55 -41.32 47.58 0.97
CA GLU F 55 -42.09 48.37 1.92
C GLU F 55 -42.79 47.40 2.87
N LYS F 56 -43.10 47.89 4.08
CA LYS F 56 -43.52 47.01 5.16
C LYS F 56 -44.83 46.29 4.89
N TYR F 57 -45.65 46.78 3.95
CA TYR F 57 -46.88 46.08 3.58
C TYR F 57 -47.05 46.09 2.06
N ARG F 58 -45.95 45.96 1.32
CA ARG F 58 -45.98 45.97 -0.13
C ARG F 58 -45.01 44.93 -0.68
N GLY F 59 -45.26 44.52 -1.92
CA GLY F 59 -44.43 43.52 -2.56
C GLY F 59 -43.08 44.05 -2.98
N LEU F 60 -42.21 43.12 -3.37
CA LEU F 60 -40.85 43.45 -3.77
C LEU F 60 -40.80 43.92 -5.22
N VAL F 61 -39.80 44.73 -5.53
CA VAL F 61 -39.51 45.11 -6.92
C VAL F 61 -38.00 45.08 -7.11
N LEU F 62 -37.56 44.76 -8.34
CA LEU F 62 -36.14 44.72 -8.62
C LEU F 62 -35.59 46.12 -8.93
N THR F 63 -34.33 46.34 -8.56
CA THR F 63 -33.62 47.55 -8.89
C THR F 63 -33.00 47.45 -10.29
N SER F 64 -32.33 48.52 -10.71
CA SER F 64 -31.79 48.57 -12.06
C SER F 64 -30.74 47.49 -12.29
N LYS F 65 -29.90 47.21 -11.28
CA LYS F 65 -28.88 46.18 -11.42
C LYS F 65 -29.47 44.79 -11.27
N GLY F 66 -30.51 44.65 -10.43
CA GLY F 66 -31.14 43.36 -10.24
C GLY F 66 -31.76 42.82 -11.53
N LYS F 67 -32.37 43.70 -12.33
CA LYS F 67 -32.98 43.25 -13.58
C LYS F 67 -31.97 42.55 -14.47
N LYS F 68 -30.82 43.18 -14.71
CA LYS F 68 -29.83 42.62 -15.62
C LYS F 68 -29.11 41.42 -15.00
N ILE F 69 -28.87 41.44 -13.69
CA ILE F 69 -28.30 40.25 -13.06
C ILE F 69 -29.25 39.06 -13.23
N GLY F 70 -30.53 39.27 -12.98
CA GLY F 70 -31.50 38.20 -13.15
C GLY F 70 -31.62 37.75 -14.59
N LYS F 71 -31.50 38.67 -15.54
CA LYS F 71 -31.53 38.27 -16.95
C LYS F 71 -30.37 37.35 -17.27
N ARG F 72 -29.17 37.67 -16.75
CA ARG F 72 -28.04 36.75 -16.95
C ARG F 72 -28.31 35.39 -16.31
N LEU F 73 -28.91 35.39 -15.12
CA LEU F 73 -29.18 34.11 -14.45
C LEU F 73 -30.16 33.26 -15.26
N VAL F 74 -31.22 33.89 -15.78
CA VAL F 74 -32.20 33.16 -16.56
C VAL F 74 -31.58 32.68 -17.86
N TYR F 75 -30.71 33.49 -18.46
CA TYR F 75 -29.98 33.04 -19.65
C TYR F 75 -29.19 31.77 -19.35
N ARG F 76 -28.47 31.75 -18.23
CA ARG F 76 -27.68 30.58 -17.87
C ARG F 76 -28.57 29.35 -17.69
N HIS F 77 -29.69 29.50 -16.97
CA HIS F 77 -30.55 28.37 -16.69
C HIS F 77 -31.17 27.83 -17.97
N GLU F 78 -31.67 28.73 -18.81
CA GLU F 78 -32.30 28.33 -20.07
C GLU F 78 -31.30 27.70 -21.02
N LEU F 79 -30.06 28.18 -21.03
CA LEU F 79 -29.03 27.55 -21.86
C LEU F 79 -28.79 26.13 -21.40
N LEU F 80 -28.60 25.91 -20.11
CA LEU F 80 -28.21 24.59 -19.64
C LEU F 80 -29.33 23.57 -19.80
N GLU F 81 -30.59 23.98 -19.64
CA GLU F 81 -31.68 23.02 -19.83
C GLU F 81 -31.66 22.44 -21.25
N GLN F 82 -31.56 23.31 -22.25
CA GLN F 82 -31.58 22.82 -23.62
C GLN F 82 -30.29 22.12 -23.98
N PHE F 83 -29.16 22.51 -23.38
CA PHE F 83 -27.94 21.73 -23.55
C PHE F 83 -28.16 20.28 -23.14
N LEU F 84 -28.68 20.07 -21.93
CA LEU F 84 -28.87 18.70 -21.46
C LEU F 84 -29.91 17.96 -22.30
N ARG F 85 -30.96 18.65 -22.78
CA ARG F 85 -31.88 17.98 -23.68
C ARG F 85 -31.20 17.57 -24.99
N ILE F 86 -30.34 18.41 -25.54
CA ILE F 86 -29.62 18.07 -26.76
C ILE F 86 -28.75 16.84 -26.52
N ILE F 87 -28.05 16.79 -25.38
CA ILE F 87 -27.20 15.64 -25.13
C ILE F 87 -28.03 14.37 -24.99
N GLY F 88 -29.22 14.47 -24.41
CA GLY F 88 -30.16 13.36 -24.40
C GLY F 88 -30.40 12.69 -23.07
N VAL F 89 -30.20 13.40 -21.96
CA VAL F 89 -30.57 12.87 -20.65
C VAL F 89 -32.07 12.99 -20.47
N ASP F 90 -32.68 11.97 -19.87
CA ASP F 90 -34.13 11.90 -19.80
C ASP F 90 -34.70 13.02 -18.94
N GLU F 91 -35.95 13.40 -19.25
CA GLU F 91 -36.55 14.60 -18.67
C GLU F 91 -36.57 14.58 -17.16
N GLU F 92 -36.73 13.40 -16.55
CA GLU F 92 -36.90 13.34 -15.10
C GLU F 92 -35.67 13.88 -14.37
N LYS F 93 -34.50 13.84 -15.01
CA LYS F 93 -33.26 14.23 -14.38
C LYS F 93 -32.94 15.73 -14.53
N ILE F 94 -33.44 16.37 -15.59
CA ILE F 94 -32.80 17.57 -16.11
C ILE F 94 -32.86 18.71 -15.09
N TYR F 95 -34.03 18.96 -14.50
CA TYR F 95 -34.21 20.19 -13.74
C TYR F 95 -33.24 20.27 -12.57
N ASN F 96 -33.16 19.22 -11.76
CA ASN F 96 -32.30 19.26 -10.59
C ASN F 96 -30.83 19.11 -10.95
N ASP F 97 -30.51 18.47 -12.06
CA ASP F 97 -29.14 18.50 -12.56
C ASP F 97 -28.71 19.93 -12.86
N VAL F 98 -29.58 20.67 -13.56
CA VAL F 98 -29.25 22.05 -13.90
C VAL F 98 -29.12 22.89 -12.64
N GLU F 99 -30.08 22.76 -11.72
CA GLU F 99 -30.00 23.51 -10.47
C GLU F 99 -28.82 23.09 -9.60
N GLY F 100 -28.28 21.89 -9.82
CA GLY F 100 -27.09 21.47 -9.11
C GLY F 100 -25.82 22.08 -9.68
N ILE F 101 -25.71 22.13 -11.00
CA ILE F 101 -24.46 22.59 -11.61
C ILE F 101 -24.46 24.09 -11.91
N GLU F 102 -25.63 24.73 -12.01
CA GLU F 102 -25.68 26.09 -12.55
C GLU F 102 -24.86 27.07 -11.72
N HIS F 103 -24.63 26.80 -10.44
CA HIS F 103 -23.93 27.75 -9.58
C HIS F 103 -22.42 27.61 -9.62
N HIS F 104 -21.90 26.40 -9.89
CA HIS F 104 -20.47 26.15 -9.80
C HIS F 104 -19.72 26.32 -11.11
N LEU F 105 -20.41 26.51 -12.23
CA LEU F 105 -19.74 26.75 -13.51
C LEU F 105 -19.33 28.22 -13.61
N SER F 106 -18.06 28.44 -13.94
CA SER F 106 -17.57 29.78 -14.22
C SER F 106 -18.10 30.27 -15.58
N TRP F 107 -18.03 31.59 -15.77
CA TRP F 107 -18.56 32.18 -16.99
C TRP F 107 -17.76 31.82 -18.24
N ASN F 108 -16.50 31.40 -18.09
CA ASN F 108 -15.76 30.90 -19.25
C ASN F 108 -16.39 29.62 -19.77
N SER F 109 -16.81 28.73 -18.87
CA SER F 109 -17.47 27.50 -19.28
C SER F 109 -18.85 27.76 -19.85
N ILE F 110 -19.58 28.72 -19.30
CA ILE F 110 -20.89 29.06 -19.86
C ILE F 110 -20.72 29.70 -21.24
N ASP F 111 -19.63 30.43 -21.44
CA ASP F 111 -19.35 30.99 -22.76
C ASP F 111 -19.07 29.88 -23.77
N ARG F 112 -18.14 28.98 -23.43
CA ARG F 112 -17.76 27.94 -24.38
C ARG F 112 -18.86 26.89 -24.59
N ILE F 113 -19.78 26.72 -23.64
CA ILE F 113 -20.92 25.84 -23.87
C ILE F 113 -21.84 26.42 -24.94
N GLY F 114 -21.81 27.74 -25.12
CA GLY F 114 -22.58 28.35 -26.20
C GLY F 114 -22.09 27.93 -27.56
N ASP F 115 -20.77 27.73 -27.70
CA ASP F 115 -20.24 27.19 -28.95
C ASP F 115 -20.81 25.80 -29.20
N LEU F 116 -20.99 25.01 -28.15
CA LEU F 116 -21.39 23.62 -28.29
C LEU F 116 -22.87 23.48 -28.58
N VAL F 117 -23.71 24.30 -27.95
CA VAL F 117 -25.15 24.16 -28.16
C VAL F 117 -25.52 24.57 -29.58
N GLN F 118 -24.88 25.60 -30.13
CA GLN F 118 -25.18 26.03 -31.49
C GLN F 118 -24.75 24.97 -32.50
N TYR F 119 -23.68 24.24 -32.19
CA TYR F 119 -23.17 23.24 -33.12
C TYR F 119 -24.22 22.20 -33.49
N PHE F 120 -25.12 21.87 -32.56
CA PHE F 120 -26.14 20.85 -32.79
C PHE F 120 -27.51 21.42 -33.13
N GLU F 121 -27.65 22.74 -33.22
CA GLU F 121 -28.96 23.34 -33.45
C GLU F 121 -29.08 24.03 -34.81
N GLU F 122 -27.99 24.57 -35.35
CA GLU F 122 -28.00 25.18 -36.68
C GLU F 122 -27.78 24.17 -37.80
N ASP F 123 -27.65 22.88 -37.47
CA ASP F 123 -27.56 21.80 -38.45
C ASP F 123 -28.47 20.65 -38.03
N ASP F 124 -28.93 19.90 -39.02
CA ASP F 124 -29.81 18.76 -38.77
C ASP F 124 -29.05 17.45 -38.65
N ALA F 125 -27.87 17.33 -39.26
CA ALA F 125 -27.20 16.05 -39.38
C ALA F 125 -26.40 15.69 -38.14
N ARG F 126 -25.64 16.66 -37.60
CA ARG F 126 -24.76 16.38 -36.48
C ARG F 126 -25.53 15.84 -35.29
N LYS F 127 -26.75 16.35 -35.08
CA LYS F 127 -27.60 15.82 -34.03
C LYS F 127 -27.89 14.34 -34.24
N LYS F 128 -28.09 13.92 -35.48
CA LYS F 128 -28.45 12.54 -35.76
C LYS F 128 -27.23 11.62 -35.67
N ASP F 129 -26.05 12.13 -36.04
CA ASP F 129 -24.83 11.38 -35.76
C ASP F 129 -24.66 11.16 -34.25
N LEU F 130 -24.88 12.21 -33.46
CA LEU F 130 -24.75 12.07 -32.02
C LEU F 130 -25.76 11.09 -31.47
N LYS F 131 -27.00 11.12 -31.96
CA LYS F 131 -27.98 10.13 -31.55
C LYS F 131 -27.60 8.71 -31.98
N SER F 132 -26.95 8.57 -33.13
CA SER F 132 -26.53 7.24 -33.57
C SER F 132 -25.48 6.68 -32.61
N ILE F 133 -24.50 7.50 -32.23
CA ILE F 133 -23.52 7.05 -31.25
C ILE F 133 -24.19 6.78 -29.91
N GLN F 134 -25.12 7.63 -29.50
CA GLN F 134 -25.80 7.44 -28.22
C GLN F 134 -26.51 6.10 -28.17
N LYS F 135 -27.15 5.70 -29.26
CA LYS F 135 -27.86 4.42 -29.30
C LYS F 135 -26.92 3.24 -29.50
N LYS F 136 -25.79 3.44 -30.18
CA LYS F 136 -24.90 2.32 -30.51
C LYS F 136 -24.33 1.63 -29.29
N THR F 137 -24.38 2.27 -28.11
CA THR F 137 -23.92 1.63 -26.89
C THR F 137 -24.85 1.91 -25.72
N GLU F 138 -26.13 2.11 -25.98
CA GLU F 138 -27.10 2.38 -24.92
C GLU F 138 -27.16 1.21 -23.94
MN MN G . 32.16 -25.91 14.26
MN MN H . 31.88 -22.14 14.87
MN MN I . 12.98 -15.30 8.78
MN MN J . 15.27 -12.83 9.42
MN MN K . -13.07 15.23 -8.72
MN MN L . -14.62 15.35 -5.64
MN MN M . -31.56 28.22 -11.94
MN MN N . -30.19 27.64 -8.39
#